data_7FAC
#
_entry.id   7FAC
#
_cell.length_a   112.834
_cell.length_b   112.834
_cell.length_c   91.084
_cell.angle_alpha   90.000
_cell.angle_beta   90.000
_cell.angle_gamma   120.000
#
_symmetry.space_group_name_H-M   'P 65'
#
loop_
_entity.id
_entity.type
_entity.pdbx_description
1 polymer 'Non-structural protein 2'
2 non-polymer 'ZINC ION'
3 water water
#
_entity_poly.entity_id   1
_entity_poly.type   'polypeptide(L)'
_entity_poly.pdbx_seq_one_letter_code
;GSKTEGFMGRIRSVYPVASPQECNNMHLSTLMKCNHCDEVSWQTCDFLKATCEHCGTENLVIEGPTTCGYLPTNAVVKMP
CPACQDPEIGPEHSVADYHNHSNIETRLRKGGRTRCFGGCVFAYVGCYNKRAYWVPRASADIGSGHTGITGDNVETLNED
LLEILSRERVNINIVGDFHLNEEVAIILASFSASTSAFIDTIKSLDYKSFKTIVESCGNYKVTKGKPVKGAWNIGQQRSV
LTPLCGFPSQAAGVIRSIFARTLDAANHSIPDLQRAAVTILDGISEQSLRLVDAMVYTSDLLTNSVIIMAYVTGGLVQQT
SQWLSNLLGTTVEKLRPIFEWIEAKLSAGVEFLKDAWEILKFLITGVFDIVKGQIQVASDNIKDCVKCFIDVVNKALEMC
IDQVTIAGAKLRSLNLGEVFIAQSKGLYRQCIRGKEQLQLLMPLKAPKEVTFLEGDSHDTVLTSEEVVLKNGELEALETP
VDSFTNGAIVGTPVCVNGLMLLEIKDKEQYCALSPGLLATNNVFRLKGG
;
_entity_poly.pdbx_strand_id   A
#
loop_
_chem_comp.id
_chem_comp.type
_chem_comp.name
_chem_comp.formula
ZN non-polymer 'ZINC ION' 'Zn 2'
#
# COMPACT_ATOMS: atom_id res chain seq x y z
N GLY A 6 -8.35 -0.58 -36.91
CA GLY A 6 -9.47 -0.10 -37.75
C GLY A 6 -9.70 -1.12 -38.85
N PHE A 7 -9.76 -0.71 -40.11
CA PHE A 7 -9.91 -1.72 -41.19
C PHE A 7 -8.65 -2.56 -41.20
N MET A 8 -8.80 -3.88 -41.16
CA MET A 8 -7.66 -4.79 -40.92
C MET A 8 -6.57 -4.62 -41.96
N GLY A 9 -6.92 -4.45 -43.22
CA GLY A 9 -5.87 -4.29 -44.23
C GLY A 9 -5.03 -3.04 -44.02
N ARG A 10 -5.69 -1.91 -43.74
CA ARG A 10 -4.89 -0.69 -43.55
C ARG A 10 -4.03 -0.78 -42.30
N ILE A 11 -4.58 -1.32 -41.22
CA ILE A 11 -3.81 -1.38 -39.96
C ILE A 11 -2.60 -2.29 -40.14
N ARG A 12 -2.78 -3.40 -40.85
CA ARG A 12 -1.67 -4.33 -41.03
C ARG A 12 -0.59 -3.76 -41.93
N SER A 13 -0.92 -2.83 -42.83
CA SER A 13 0.11 -2.12 -43.57
C SER A 13 0.91 -1.19 -42.66
N VAL A 14 0.36 -0.82 -41.51
CA VAL A 14 1.10 -0.02 -40.54
C VAL A 14 1.94 -0.92 -39.64
N TYR A 15 1.34 -1.97 -39.11
CA TYR A 15 1.97 -2.76 -38.06
C TYR A 15 1.78 -4.24 -38.33
N PRO A 16 2.79 -5.06 -38.00
CA PRO A 16 2.59 -6.52 -38.06
C PRO A 16 1.65 -6.99 -36.96
N VAL A 17 0.38 -6.65 -37.12
CA VAL A 17 -0.64 -6.77 -36.07
C VAL A 17 -1.72 -7.71 -36.59
N ALA A 18 -2.14 -8.68 -35.75
CA ALA A 18 -3.21 -9.57 -36.16
C ALA A 18 -4.60 -9.02 -35.81
N SER A 19 -4.75 -8.31 -34.69
CA SER A 19 -6.04 -7.76 -34.31
C SER A 19 -5.90 -6.31 -33.86
N PRO A 20 -6.95 -5.50 -34.06
CA PRO A 20 -6.93 -4.11 -33.56
C PRO A 20 -6.56 -3.98 -32.09
N GLN A 21 -6.78 -5.02 -31.28
CA GLN A 21 -6.50 -4.97 -29.85
C GLN A 21 -5.02 -5.08 -29.55
N GLU A 22 -4.21 -5.54 -30.49
CA GLU A 22 -2.76 -5.49 -30.34
C GLU A 22 -2.19 -4.08 -30.44
N CYS A 23 -2.99 -3.11 -30.85
CA CYS A 23 -2.54 -1.74 -30.95
C CYS A 23 -2.57 -1.07 -29.58
N ASN A 24 -1.57 -0.24 -29.31
CA ASN A 24 -1.40 0.39 -28.02
C ASN A 24 -1.76 1.87 -28.09
N ASN A 25 -2.62 2.31 -27.17
CA ASN A 25 -3.02 3.71 -27.11
C ASN A 25 -1.87 4.58 -26.62
N MET A 26 -1.80 5.78 -27.15
CA MET A 26 -0.77 6.73 -26.80
C MET A 26 -1.26 7.65 -25.69
N HIS A 27 -0.31 8.29 -25.01
CA HIS A 27 -0.61 9.28 -23.99
C HIS A 27 -0.36 10.64 -24.60
N LEU A 28 -1.42 11.40 -24.83
CA LEU A 28 -1.29 12.75 -25.34
C LEU A 28 -1.68 13.73 -24.23
N SER A 29 -0.99 14.87 -24.16
CA SER A 29 -1.31 15.84 -23.14
C SER A 29 -0.88 17.24 -23.57
N THR A 30 -1.67 18.23 -23.17
CA THR A 30 -1.36 19.64 -23.45
C THR A 30 -1.38 20.40 -22.13
N LEU A 31 -0.51 21.39 -21.95
CA LEU A 31 -0.51 22.17 -20.69
C LEU A 31 -1.54 23.27 -20.86
N MET A 32 -2.62 23.26 -20.07
CA MET A 32 -3.66 24.30 -20.26
C MET A 32 -4.48 24.45 -18.99
N LYS A 33 -5.20 25.56 -18.86
CA LYS A 33 -6.05 25.83 -17.67
C LYS A 33 -7.38 25.10 -17.83
N CYS A 34 -8.00 24.72 -16.72
CA CYS A 34 -9.31 24.03 -16.77
C CYS A 34 -10.36 25.03 -16.30
N ASN A 35 -11.44 25.20 -17.06
CA ASN A 35 -12.41 26.24 -16.66
C ASN A 35 -12.98 25.93 -15.29
N HIS A 36 -13.34 24.68 -15.04
CA HIS A 36 -13.97 24.31 -13.76
C HIS A 36 -13.06 24.46 -12.55
N CYS A 37 -11.79 24.11 -12.65
CA CYS A 37 -10.97 24.12 -11.43
C CYS A 37 -9.99 25.30 -11.38
N ASP A 38 -9.80 25.99 -12.51
CA ASP A 38 -8.91 27.18 -12.66
C ASP A 38 -7.44 26.84 -12.43
N GLU A 39 -7.02 25.59 -12.59
CA GLU A 39 -5.62 25.20 -12.35
C GLU A 39 -4.96 24.90 -13.69
N VAL A 40 -3.67 25.19 -13.84
CA VAL A 40 -2.99 24.89 -15.12
C VAL A 40 -2.21 23.61 -14.89
N SER A 41 -2.56 22.58 -15.64
CA SER A 41 -2.00 21.23 -15.43
C SER A 41 -1.86 20.52 -16.75
N TRP A 42 -0.96 19.56 -16.85
CA TRP A 42 -0.90 18.80 -18.11
C TRP A 42 -2.14 17.93 -18.14
N GLN A 43 -3.00 18.12 -19.13
CA GLN A 43 -4.27 17.36 -19.12
C GLN A 43 -4.22 16.27 -20.18
N THR A 44 -4.69 15.08 -19.84
CA THR A 44 -4.71 13.97 -20.82
C THR A 44 -5.74 14.32 -21.87
N CYS A 45 -5.43 14.09 -23.14
CA CYS A 45 -6.43 14.47 -24.15
C CYS A 45 -6.27 13.69 -25.44
N ASP A 46 -7.26 13.85 -26.30
CA ASP A 46 -7.25 13.37 -27.70
C ASP A 46 -6.97 14.61 -28.56
N PHE A 47 -7.36 14.59 -29.83
CA PHE A 47 -7.12 15.78 -30.69
C PHE A 47 -7.98 16.97 -30.28
N LEU A 48 -9.21 16.75 -29.83
CA LEU A 48 -10.06 17.94 -29.54
C LEU A 48 -10.46 18.09 -28.08
N LYS A 49 -10.53 17.01 -27.32
CA LYS A 49 -11.05 17.12 -25.93
C LYS A 49 -9.97 16.71 -24.94
N ALA A 50 -9.84 17.45 -23.84
CA ALA A 50 -8.83 17.12 -22.81
C ALA A 50 -9.53 16.94 -21.47
N THR A 51 -8.97 16.13 -20.59
CA THR A 51 -9.61 16.00 -19.27
C THR A 51 -8.62 16.42 -18.20
N CYS A 52 -9.11 17.23 -17.28
CA CYS A 52 -8.37 17.73 -16.11
C CYS A 52 -8.07 16.50 -15.27
N GLU A 53 -6.86 16.36 -14.77
CA GLU A 53 -6.63 15.19 -13.91
C GLU A 53 -7.00 15.56 -12.46
N HIS A 54 -7.25 16.82 -12.17
CA HIS A 54 -7.63 17.25 -10.81
C HIS A 54 -9.13 17.26 -10.64
N CYS A 55 -9.82 18.08 -11.43
CA CYS A 55 -11.28 18.31 -11.55
C CYS A 55 -11.93 17.04 -12.08
N GLY A 56 -11.32 16.44 -13.11
CA GLY A 56 -11.90 15.28 -13.80
C GLY A 56 -12.89 15.69 -14.87
N THR A 57 -12.97 16.99 -15.16
CA THR A 57 -13.95 17.51 -16.12
C THR A 57 -13.34 17.62 -17.52
N GLU A 58 -14.09 17.16 -18.51
CA GLU A 58 -13.70 17.19 -19.94
C GLU A 58 -13.63 18.65 -20.41
N ASN A 59 -12.63 19.01 -21.19
CA ASN A 59 -12.49 20.40 -21.67
C ASN A 59 -12.18 20.40 -23.16
N LEU A 60 -12.17 21.57 -23.78
CA LEU A 60 -11.82 21.62 -25.21
C LEU A 60 -10.38 22.10 -25.32
N VAL A 61 -9.58 21.40 -26.11
CA VAL A 61 -8.14 21.73 -26.22
C VAL A 61 -7.98 23.17 -26.70
N ILE A 62 -7.09 23.89 -26.03
CA ILE A 62 -6.75 25.29 -26.37
C ILE A 62 -5.25 25.30 -26.67
N GLU A 63 -4.77 26.25 -27.46
CA GLU A 63 -3.34 26.25 -27.85
C GLU A 63 -2.46 26.24 -26.60
N GLY A 64 -1.50 25.32 -26.58
CA GLY A 64 -0.57 25.22 -25.46
C GLY A 64 0.48 24.19 -25.76
N PRO A 65 1.51 24.04 -24.92
CA PRO A 65 2.51 23.02 -25.13
C PRO A 65 1.89 21.63 -25.14
N THR A 66 2.36 20.76 -26.00
CA THR A 66 1.77 19.41 -26.08
C THR A 66 2.87 18.36 -26.11
N THR A 67 2.55 17.13 -25.75
CA THR A 67 3.56 16.05 -25.78
C THR A 67 2.85 14.73 -26.03
N CYS A 68 3.54 13.74 -26.57
CA CYS A 68 2.90 12.43 -26.80
C CYS A 68 3.51 11.39 -25.85
N GLY A 69 4.50 11.79 -25.09
CA GLY A 69 5.12 10.86 -24.13
C GLY A 69 5.99 9.83 -24.79
N TYR A 70 6.28 8.74 -24.10
CA TYR A 70 7.08 7.69 -24.72
C TYR A 70 6.20 6.98 -25.73
N LEU A 71 6.69 6.75 -26.93
CA LEU A 71 5.89 6.09 -27.98
C LEU A 71 5.90 4.59 -27.74
N PRO A 72 4.74 3.93 -27.65
CA PRO A 72 4.68 2.49 -27.45
C PRO A 72 4.77 1.74 -28.78
N THR A 73 4.88 0.43 -28.73
CA THR A 73 4.88 -0.36 -29.98
C THR A 73 3.45 -0.40 -30.53
N ASN A 74 3.30 -0.43 -31.86
CA ASN A 74 1.98 -0.47 -32.52
C ASN A 74 1.13 0.68 -32.00
N ALA A 75 1.68 1.89 -32.00
CA ALA A 75 1.04 3.09 -31.41
C ALA A 75 -0.17 3.56 -32.20
N VAL A 76 -1.25 3.91 -31.51
CA VAL A 76 -2.45 4.44 -32.18
C VAL A 76 -3.10 5.45 -31.25
N VAL A 77 -3.90 6.34 -31.81
CA VAL A 77 -4.66 7.28 -30.97
C VAL A 77 -6.12 7.02 -31.30
N LYS A 78 -6.85 6.40 -30.39
CA LYS A 78 -8.27 6.12 -30.60
C LYS A 78 -9.11 7.33 -30.21
N MET A 79 -10.16 7.58 -30.98
CA MET A 79 -11.06 8.72 -30.79
C MET A 79 -12.47 8.32 -31.17
N PRO A 80 -13.48 8.83 -30.47
CA PRO A 80 -14.86 8.58 -30.92
C PRO A 80 -15.08 9.16 -32.33
N CYS A 81 -15.79 8.40 -33.17
CA CYS A 81 -16.05 8.78 -34.55
C CYS A 81 -17.45 9.37 -34.66
N PRO A 82 -17.60 10.68 -34.82
CA PRO A 82 -18.95 11.24 -35.05
C PRO A 82 -19.71 10.54 -36.17
N ALA A 83 -19.04 10.26 -37.29
CA ALA A 83 -19.73 9.66 -38.42
C ALA A 83 -20.28 8.28 -38.07
N CYS A 84 -19.44 7.41 -37.49
CA CYS A 84 -19.87 6.05 -37.14
C CYS A 84 -21.00 6.04 -36.12
N GLN A 85 -21.05 7.06 -35.25
CA GLN A 85 -22.04 7.11 -34.20
C GLN A 85 -23.39 7.56 -34.73
N ASP A 86 -23.37 8.55 -35.62
CA ASP A 86 -24.60 9.12 -36.15
C ASP A 86 -25.39 8.06 -36.90
N PRO A 87 -26.72 8.05 -36.80
CA PRO A 87 -27.50 6.96 -37.40
C PRO A 87 -27.46 6.92 -38.92
N GLU A 88 -27.49 8.07 -39.59
CA GLU A 88 -27.61 8.08 -41.06
C GLU A 88 -26.34 7.53 -41.71
N ILE A 89 -25.17 8.12 -41.38
CA ILE A 89 -23.93 7.69 -42.03
C ILE A 89 -23.52 6.30 -41.58
N GLY A 90 -23.37 6.10 -40.26
CA GLY A 90 -23.25 4.77 -39.70
C GLY A 90 -21.85 4.19 -39.66
N PRO A 91 -21.77 2.91 -39.26
CA PRO A 91 -20.45 2.26 -39.14
C PRO A 91 -19.75 2.02 -40.46
N GLU A 92 -20.49 1.75 -41.53
CA GLU A 92 -19.95 1.72 -42.88
C GLU A 92 -19.88 3.16 -43.41
N HIS A 93 -18.69 3.65 -43.70
CA HIS A 93 -18.55 5.00 -44.24
C HIS A 93 -17.22 5.09 -44.96
N SER A 94 -17.07 6.13 -45.76
CA SER A 94 -15.85 6.26 -46.55
C SER A 94 -14.82 7.10 -45.81
N VAL A 95 -13.54 6.87 -46.16
CA VAL A 95 -12.43 7.59 -45.52
C VAL A 95 -12.67 9.09 -45.56
N ALA A 96 -13.17 9.60 -46.69
CA ALA A 96 -13.40 11.04 -46.78
C ALA A 96 -14.65 11.46 -46.04
N ASP A 97 -15.60 10.55 -45.82
CA ASP A 97 -16.76 10.92 -45.01
C ASP A 97 -16.42 11.01 -43.53
N TYR A 98 -15.50 10.18 -43.05
CA TYR A 98 -14.98 10.40 -41.71
C TYR A 98 -14.41 11.80 -41.58
N HIS A 99 -13.52 12.17 -42.50
CA HIS A 99 -12.82 13.45 -42.39
C HIS A 99 -13.75 14.64 -42.47
N ASN A 100 -14.94 14.48 -43.03
CA ASN A 100 -15.87 15.58 -43.08
C ASN A 100 -16.47 15.85 -41.70
N HIS A 101 -16.88 14.80 -40.99
CA HIS A 101 -17.55 14.94 -39.71
C HIS A 101 -16.62 14.72 -38.53
N SER A 102 -15.38 14.35 -38.77
CA SER A 102 -14.42 14.22 -37.68
C SER A 102 -14.19 15.54 -36.96
N ASN A 103 -14.53 16.66 -37.60
CA ASN A 103 -14.27 18.00 -37.09
C ASN A 103 -12.84 18.16 -36.58
N ILE A 104 -11.94 17.37 -37.16
CA ILE A 104 -10.49 17.49 -36.94
C ILE A 104 -9.87 18.09 -38.20
N GLU A 105 -9.45 19.34 -38.10
CA GLU A 105 -8.79 20.01 -39.23
C GLU A 105 -7.52 19.22 -39.58
N THR A 106 -7.26 19.07 -40.88
CA THR A 106 -6.12 18.30 -41.38
C THR A 106 -5.27 19.15 -42.33
N ARG A 107 -4.00 18.79 -42.43
CA ARG A 107 -3.12 19.26 -43.50
C ARG A 107 -2.98 18.18 -44.57
N LEU A 108 -3.06 18.57 -45.84
CA LEU A 108 -2.93 17.61 -46.94
C LEU A 108 -1.48 17.52 -47.37
N ARG A 109 -0.82 16.40 -47.08
CA ARG A 109 0.52 16.11 -47.56
C ARG A 109 0.46 15.27 -48.85
N LYS A 110 1.63 14.91 -49.39
CA LYS A 110 1.66 13.98 -50.52
C LYS A 110 1.11 12.60 -50.14
N GLY A 111 1.24 12.17 -48.88
CA GLY A 111 0.66 10.90 -48.47
C GLY A 111 -0.84 10.92 -48.19
N GLY A 112 -1.41 12.11 -47.94
CA GLY A 112 -2.82 12.28 -47.60
C GLY A 112 -3.00 13.27 -46.45
N ARG A 113 -4.22 13.28 -45.90
CA ARG A 113 -4.55 14.12 -44.76
C ARG A 113 -3.76 13.71 -43.53
N THR A 114 -3.18 14.69 -42.83
CA THR A 114 -2.52 14.43 -41.57
C THR A 114 -2.89 15.49 -40.54
N ARG A 115 -2.59 15.17 -39.27
CA ARG A 115 -2.78 16.05 -38.13
C ARG A 115 -1.55 15.90 -37.24
N CYS A 116 -1.05 17.03 -36.74
CA CYS A 116 0.16 17.05 -35.95
C CYS A 116 -0.18 17.26 -34.47
N PHE A 117 0.66 16.70 -33.60
CA PHE A 117 0.45 16.83 -32.16
C PHE A 117 1.76 16.50 -31.46
N GLY A 118 2.28 17.45 -30.71
CA GLY A 118 3.51 17.32 -29.94
C GLY A 118 4.68 16.63 -30.62
N GLY A 119 4.97 16.99 -31.87
CA GLY A 119 6.04 16.33 -32.60
C GLY A 119 5.75 14.92 -33.08
N CYS A 120 4.51 14.66 -33.47
CA CYS A 120 4.11 13.49 -34.22
C CYS A 120 3.12 13.92 -35.27
N VAL A 121 3.19 13.28 -36.44
CA VAL A 121 2.23 13.51 -37.50
C VAL A 121 1.35 12.27 -37.58
N PHE A 122 0.06 12.45 -37.34
CA PHE A 122 -0.89 11.35 -37.28
C PHE A 122 -1.69 11.27 -38.57
N ALA A 123 -2.02 10.03 -38.95
CA ALA A 123 -2.84 9.72 -40.11
C ALA A 123 -3.98 8.81 -39.67
N TYR A 124 -5.11 8.93 -40.34
CA TYR A 124 -6.30 8.15 -40.00
C TYR A 124 -6.27 6.85 -40.78
N VAL A 125 -6.36 5.71 -40.07
CA VAL A 125 -6.39 4.41 -40.74
C VAL A 125 -7.81 3.93 -40.95
N GLY A 126 -8.69 4.06 -39.95
CA GLY A 126 -10.06 3.57 -40.07
C GLY A 126 -10.79 3.65 -38.73
N CYS A 127 -12.10 3.39 -38.80
CA CYS A 127 -12.95 3.26 -37.63
C CYS A 127 -13.13 1.79 -37.27
N TYR A 128 -13.34 1.52 -35.97
CA TYR A 128 -13.60 0.17 -35.48
C TYR A 128 -14.25 0.24 -34.11
N ASN A 129 -15.42 -0.40 -33.98
CA ASN A 129 -16.29 -0.22 -32.80
C ASN A 129 -16.59 1.25 -32.57
N LYS A 130 -16.92 1.97 -33.64
CA LYS A 130 -17.33 3.37 -33.59
C LYS A 130 -16.26 4.26 -32.99
N ARG A 131 -15.01 3.81 -33.06
CA ARG A 131 -13.86 4.59 -32.62
C ARG A 131 -12.89 4.72 -33.78
N ALA A 132 -12.46 5.96 -34.04
CA ALA A 132 -11.45 6.23 -35.05
C ALA A 132 -10.05 5.88 -34.54
N TYR A 133 -9.23 5.28 -35.39
CA TYR A 133 -7.83 4.98 -35.08
C TYR A 133 -6.92 5.87 -35.93
N TRP A 134 -5.96 6.54 -35.29
CA TRP A 134 -4.92 7.30 -35.99
C TRP A 134 -3.55 6.72 -35.65
N VAL A 135 -2.63 6.76 -36.60
CA VAL A 135 -1.29 6.25 -36.30
C VAL A 135 -0.28 7.37 -36.50
N PRO A 136 0.80 7.40 -35.74
CA PRO A 136 1.85 8.40 -35.98
C PRO A 136 2.72 7.98 -37.19
N ARG A 137 2.58 8.76 -38.27
CA ARG A 137 3.40 8.45 -39.45
C ARG A 137 4.85 8.87 -39.22
N ALA A 138 5.06 9.98 -38.54
CA ALA A 138 6.40 10.42 -38.15
C ALA A 138 6.38 10.80 -36.68
N SER A 139 7.45 10.47 -35.96
CA SER A 139 7.51 10.68 -34.52
C SER A 139 8.91 11.12 -34.14
N ALA A 140 9.01 12.26 -33.46
CA ALA A 140 10.28 12.69 -32.92
C ALA A 140 10.83 11.69 -31.89
N ASP A 141 12.11 11.81 -31.57
CA ASP A 141 12.67 11.10 -30.43
C ASP A 141 13.77 11.96 -29.81
N ILE A 142 13.50 12.47 -28.62
CA ILE A 142 14.51 13.16 -27.82
C ILE A 142 15.27 12.13 -27.00
N GLY A 143 14.97 10.85 -27.20
CA GLY A 143 15.64 9.80 -26.44
C GLY A 143 14.68 8.96 -25.62
N SER A 144 14.99 7.67 -25.50
CA SER A 144 14.14 6.71 -24.79
C SER A 144 12.71 6.68 -25.34
N GLY A 145 12.56 6.93 -26.63
CA GLY A 145 11.25 6.94 -27.25
C GLY A 145 10.42 8.17 -27.00
N HIS A 146 10.82 9.04 -26.08
CA HIS A 146 10.03 10.23 -25.80
C HIS A 146 9.98 11.15 -27.01
N THR A 147 8.78 11.66 -27.30
CA THR A 147 8.55 12.55 -28.43
C THR A 147 8.90 14.02 -28.14
N GLY A 148 9.35 14.34 -26.92
CA GLY A 148 9.62 15.71 -26.54
C GLY A 148 8.36 16.59 -26.47
N ILE A 149 8.58 17.84 -26.04
CA ILE A 149 7.52 18.82 -25.90
C ILE A 149 7.69 19.90 -26.97
N THR A 150 6.58 20.36 -27.53
CA THR A 150 6.57 21.42 -28.52
C THR A 150 5.69 22.56 -28.02
N GLY A 151 6.27 23.75 -27.90
CA GLY A 151 5.54 24.90 -27.44
C GLY A 151 6.47 26.08 -27.27
N ASP A 152 5.97 27.11 -26.59
CA ASP A 152 6.65 28.40 -26.61
C ASP A 152 7.84 28.45 -25.66
N ASN A 153 7.67 27.99 -24.42
CA ASN A 153 8.82 28.07 -23.46
C ASN A 153 9.27 26.66 -23.07
N VAL A 154 9.24 25.75 -24.04
CA VAL A 154 9.52 24.30 -23.89
C VAL A 154 10.98 23.93 -23.58
N GLU A 155 11.98 24.66 -24.06
CA GLU A 155 13.38 24.14 -23.94
C GLU A 155 13.83 23.92 -22.50
N THR A 156 13.38 24.73 -21.55
CA THR A 156 13.86 24.53 -20.17
C THR A 156 13.48 23.12 -19.72
N LEU A 157 12.22 22.75 -19.91
CA LEU A 157 11.76 21.39 -19.56
C LEU A 157 12.41 20.41 -20.53
N ASN A 158 12.47 20.79 -21.80
CA ASN A 158 12.99 19.91 -22.87
C ASN A 158 14.45 19.56 -22.58
N GLU A 159 15.23 20.52 -22.11
CA GLU A 159 16.64 20.18 -21.81
C GLU A 159 16.73 19.23 -20.63
N ASP A 160 15.88 19.37 -19.61
CA ASP A 160 15.99 18.41 -18.49
C ASP A 160 15.73 17.00 -19.05
N LEU A 161 14.61 16.83 -19.72
CA LEU A 161 14.21 15.57 -20.34
C LEU A 161 15.36 14.98 -21.15
N LEU A 162 16.01 15.83 -21.94
CA LEU A 162 17.09 15.40 -22.83
C LEU A 162 18.24 14.76 -22.06
N GLU A 163 18.62 15.35 -20.92
CA GLU A 163 19.78 14.89 -20.17
C GLU A 163 19.50 13.55 -19.49
N ILE A 164 18.25 13.31 -19.11
CA ILE A 164 17.88 12.03 -18.50
C ILE A 164 17.77 10.96 -19.56
N LEU A 165 17.19 11.29 -20.72
CA LEU A 165 16.64 10.34 -21.68
C LEU A 165 17.56 9.98 -22.85
N SER A 166 18.42 10.91 -23.31
CA SER A 166 19.32 10.61 -24.43
C SER A 166 20.37 9.59 -24.07
N ARG A 167 20.58 9.34 -22.78
CA ARG A 167 21.48 8.27 -22.37
C ARG A 167 20.99 6.94 -22.90
N GLU A 168 21.93 6.09 -23.28
CA GLU A 168 21.62 4.72 -23.66
C GLU A 168 20.80 4.01 -22.59
N ARG A 169 21.30 4.03 -21.36
CA ARG A 169 20.55 3.59 -20.20
C ARG A 169 20.20 4.82 -19.36
N VAL A 170 18.90 5.16 -19.29
CA VAL A 170 18.47 6.15 -18.32
C VAL A 170 18.75 5.64 -16.92
N ASN A 171 19.16 6.55 -16.03
CA ASN A 171 19.58 6.21 -14.69
C ASN A 171 18.51 6.67 -13.72
N ILE A 172 17.90 5.71 -13.02
CA ILE A 172 17.00 5.99 -11.92
C ILE A 172 17.85 6.06 -10.67
N ASN A 173 17.75 7.17 -9.97
CA ASN A 173 18.50 7.33 -8.71
C ASN A 173 17.52 7.62 -7.59
N ILE A 174 17.49 6.76 -6.58
CA ILE A 174 16.61 6.95 -5.40
C ILE A 174 17.42 7.81 -4.45
N VAL A 175 17.05 9.07 -4.25
CA VAL A 175 17.91 9.93 -3.39
C VAL A 175 17.89 9.59 -1.90
N GLY A 176 16.75 9.34 -1.28
CA GLY A 176 16.84 9.12 0.18
C GLY A 176 16.78 7.66 0.51
N ASP A 177 15.88 7.33 1.43
CA ASP A 177 15.54 5.92 1.70
C ASP A 177 14.56 5.51 0.60
N PHE A 178 14.52 4.24 0.21
CA PHE A 178 13.59 3.87 -0.88
C PHE A 178 12.16 3.81 -0.35
N HIS A 179 11.24 4.43 -1.06
CA HIS A 179 9.82 4.41 -0.62
C HIS A 179 8.88 4.39 -1.81
N LEU A 180 7.79 3.64 -1.68
CA LEU A 180 6.75 3.74 -2.72
C LEU A 180 6.08 5.11 -2.65
N ASN A 181 6.36 5.96 -3.65
CA ASN A 181 5.62 7.20 -3.88
C ASN A 181 5.07 7.18 -5.32
N GLU A 182 4.45 8.31 -5.74
CA GLU A 182 3.77 8.35 -7.03
C GLU A 182 4.74 8.06 -8.18
N GLU A 183 5.95 8.62 -8.12
CA GLU A 183 6.86 8.47 -9.26
C GLU A 183 7.28 7.00 -9.41
N VAL A 184 7.64 6.35 -8.30
CA VAL A 184 7.94 4.92 -8.36
C VAL A 184 6.75 4.15 -8.93
N ALA A 185 5.53 4.47 -8.45
CA ALA A 185 4.36 3.72 -8.89
C ALA A 185 4.17 3.87 -10.40
N ILE A 186 4.34 5.08 -10.90
CA ILE A 186 4.00 5.24 -12.30
C ILE A 186 5.11 4.68 -13.17
N ILE A 187 6.34 4.54 -12.65
CA ILE A 187 7.41 3.91 -13.44
C ILE A 187 7.19 2.41 -13.52
N LEU A 188 6.85 1.78 -12.40
CA LEU A 188 6.49 0.36 -12.46
C LEU A 188 5.21 0.16 -13.28
N ALA A 189 4.24 1.06 -13.15
CA ALA A 189 3.00 0.90 -13.91
C ALA A 189 3.27 0.97 -15.40
N SER A 190 4.29 1.74 -15.81
CA SER A 190 4.61 1.85 -17.22
C SER A 190 4.89 0.48 -17.86
N PHE A 191 5.30 -0.52 -17.07
CA PHE A 191 5.63 -1.83 -17.63
C PHE A 191 4.47 -2.81 -17.68
N SER A 192 3.30 -2.49 -17.12
CA SER A 192 2.22 -3.46 -16.97
C SER A 192 1.16 -3.33 -18.07
N ALA A 193 0.83 -4.45 -18.73
CA ALA A 193 -0.16 -4.36 -19.81
C ALA A 193 -1.59 -4.27 -19.31
N SER A 194 -1.84 -4.55 -18.02
CA SER A 194 -3.16 -4.33 -17.45
C SER A 194 -3.03 -3.84 -16.02
N THR A 195 -4.07 -3.14 -15.56
CA THR A 195 -4.06 -2.65 -14.18
C THR A 195 -4.06 -3.79 -13.20
N SER A 196 -4.79 -4.86 -13.52
CA SER A 196 -4.81 -6.06 -12.68
C SER A 196 -3.41 -6.60 -12.49
N ALA A 197 -2.69 -6.82 -13.59
CA ALA A 197 -1.31 -7.28 -13.48
C ALA A 197 -0.50 -6.36 -12.57
N PHE A 198 -0.66 -5.04 -12.72
CA PHE A 198 0.14 -4.10 -11.93
C PHE A 198 -0.11 -4.27 -10.44
N ILE A 199 -1.37 -4.59 -10.07
CA ILE A 199 -1.70 -4.80 -8.66
C ILE A 199 -0.77 -5.85 -8.05
N ASP A 200 -0.61 -6.99 -8.74
CA ASP A 200 0.18 -8.09 -8.18
C ASP A 200 1.66 -7.72 -8.10
N THR A 201 2.18 -6.99 -9.08
CA THR A 201 3.58 -6.62 -9.03
C THR A 201 3.85 -5.57 -7.95
N ILE A 202 2.91 -4.64 -7.70
CA ILE A 202 3.16 -3.55 -6.76
C ILE A 202 3.13 -4.01 -5.31
N LYS A 203 2.70 -5.24 -5.04
CA LYS A 203 2.64 -5.71 -3.66
C LYS A 203 4.04 -5.94 -3.09
N SER A 204 4.18 -5.65 -1.79
CA SER A 204 5.42 -5.85 -1.02
C SER A 204 6.65 -5.32 -1.75
N LEU A 205 6.55 -4.09 -2.23
CA LEU A 205 7.64 -3.53 -2.99
C LEU A 205 8.75 -3.03 -2.07
N ASP A 206 9.99 -3.10 -2.57
CA ASP A 206 11.20 -2.70 -1.87
C ASP A 206 12.23 -2.30 -2.91
N TYR A 207 13.38 -1.79 -2.44
CA TYR A 207 14.39 -1.32 -3.40
C TYR A 207 14.83 -2.44 -4.34
N LYS A 208 15.13 -3.64 -3.82
CA LYS A 208 15.56 -4.72 -4.70
C LYS A 208 14.52 -5.01 -5.79
N SER A 209 13.28 -5.34 -5.39
CA SER A 209 12.27 -5.66 -6.41
C SER A 209 12.06 -4.49 -7.38
N PHE A 210 12.07 -3.25 -6.88
CA PHE A 210 11.98 -2.11 -7.79
C PHE A 210 13.16 -2.13 -8.75
N LYS A 211 14.36 -2.45 -8.24
CA LYS A 211 15.55 -2.49 -9.10
C LYS A 211 15.45 -3.61 -10.12
N THR A 212 15.14 -4.84 -9.68
CA THR A 212 15.08 -5.95 -10.63
C THR A 212 14.01 -5.72 -11.71
N ILE A 213 12.80 -5.26 -11.33
CA ILE A 213 11.73 -5.04 -12.30
C ILE A 213 12.11 -3.94 -13.29
N VAL A 214 12.44 -2.75 -12.79
CA VAL A 214 12.75 -1.64 -13.70
C VAL A 214 13.89 -2.02 -14.63
N GLU A 215 14.87 -2.77 -14.13
CA GLU A 215 16.04 -3.07 -14.96
C GLU A 215 15.75 -4.17 -15.96
N SER A 216 14.98 -5.20 -15.56
CA SER A 216 14.65 -6.28 -16.48
C SER A 216 13.84 -5.80 -17.69
N CYS A 217 12.93 -4.85 -17.47
CA CYS A 217 11.93 -4.48 -18.47
C CYS A 217 12.16 -3.13 -19.09
N GLY A 218 13.35 -2.55 -18.94
CA GLY A 218 13.60 -1.25 -19.53
C GLY A 218 15.08 -1.01 -19.73
N ASN A 219 15.40 0.00 -20.53
CA ASN A 219 16.79 0.48 -20.64
C ASN A 219 17.03 1.46 -19.49
N TYR A 220 17.01 0.90 -18.27
CA TYR A 220 17.25 1.67 -17.06
C TYR A 220 18.36 1.01 -16.27
N LYS A 221 19.14 1.84 -15.59
CA LYS A 221 20.00 1.39 -14.50
C LYS A 221 19.55 2.10 -13.24
N VAL A 222 19.30 1.33 -12.18
CA VAL A 222 18.72 1.84 -10.95
C VAL A 222 19.81 1.92 -9.88
N THR A 223 20.00 3.12 -9.32
CA THR A 223 20.96 3.36 -8.25
C THR A 223 20.28 3.95 -7.02
N LYS A 224 20.72 3.51 -5.86
CA LYS A 224 20.16 4.05 -4.60
C LYS A 224 21.21 4.96 -4.01
N GLY A 225 22.05 5.58 -4.83
CA GLY A 225 22.98 6.50 -4.18
C GLY A 225 22.15 7.65 -3.69
N LYS A 226 22.17 7.94 -2.40
CA LYS A 226 21.32 9.05 -1.90
C LYS A 226 21.77 10.34 -2.57
N PRO A 227 23.08 10.62 -2.72
CA PRO A 227 23.50 11.83 -3.38
C PRO A 227 22.97 11.73 -4.81
N VAL A 228 22.40 12.83 -5.27
CA VAL A 228 21.78 12.96 -6.61
C VAL A 228 22.87 12.90 -7.69
N LYS A 229 22.50 12.46 -8.88
CA LYS A 229 23.41 12.35 -10.06
C LYS A 229 22.85 13.20 -11.20
N GLY A 230 23.46 13.12 -12.38
CA GLY A 230 22.97 13.89 -13.54
C GLY A 230 21.82 13.21 -14.26
N ALA A 231 21.16 12.24 -13.63
CA ALA A 231 20.04 11.53 -14.26
C ALA A 231 18.83 11.53 -13.32
N TRP A 232 17.86 10.62 -13.55
CA TRP A 232 16.52 10.75 -12.96
C TRP A 232 16.54 10.45 -11.46
N ASN A 233 16.45 11.53 -10.66
CA ASN A 233 16.53 11.47 -9.20
C ASN A 233 15.13 11.41 -8.62
N ILE A 234 14.90 10.40 -7.78
CA ILE A 234 13.61 10.18 -7.14
C ILE A 234 13.76 10.58 -5.67
N GLY A 235 13.30 11.80 -5.35
CA GLY A 235 13.31 12.27 -3.99
C GLY A 235 11.95 12.13 -3.33
N GLN A 236 11.16 13.18 -3.38
CA GLN A 236 9.81 13.11 -2.86
C GLN A 236 8.99 14.23 -3.47
N GLN A 237 7.67 14.09 -3.37
CA GLN A 237 6.68 15.09 -3.76
C GLN A 237 7.02 15.72 -5.12
N ARG A 238 6.98 14.90 -6.16
CA ARG A 238 6.94 15.37 -7.53
C ARG A 238 5.74 14.74 -8.21
N SER A 239 4.94 15.56 -8.89
CA SER A 239 3.71 15.09 -9.53
C SER A 239 4.01 14.05 -10.59
N VAL A 240 3.05 13.15 -10.81
CA VAL A 240 3.10 12.31 -11.99
C VAL A 240 2.49 12.99 -13.20
N LEU A 241 2.10 14.26 -13.04
CA LEU A 241 1.50 15.05 -14.12
C LEU A 241 2.54 15.81 -14.91
N THR A 242 3.65 15.17 -15.22
CA THR A 242 4.74 15.80 -15.94
C THR A 242 5.13 14.95 -17.15
N PRO A 243 5.60 15.58 -18.23
CA PRO A 243 5.97 14.81 -19.43
C PRO A 243 6.97 13.68 -19.17
N LEU A 244 7.87 13.82 -18.19
CA LEU A 244 8.80 12.72 -17.92
C LEU A 244 8.06 11.44 -17.55
N CYS A 245 6.85 11.56 -16.99
CA CYS A 245 6.00 10.46 -16.54
C CYS A 245 4.88 10.16 -17.51
N GLY A 246 4.99 10.66 -18.75
CA GLY A 246 4.01 10.42 -19.77
C GLY A 246 4.09 9.04 -20.38
N PHE A 247 4.01 8.01 -19.54
CA PHE A 247 3.99 6.65 -20.07
C PHE A 247 2.59 6.33 -20.61
N PRO A 248 2.47 5.61 -21.73
CA PRO A 248 1.16 5.39 -22.34
C PRO A 248 0.35 4.20 -21.83
N SER A 249 0.90 3.34 -20.98
CA SER A 249 0.18 2.12 -20.68
C SER A 249 -1.07 2.41 -19.85
N GLN A 250 -2.00 1.44 -19.87
CA GLN A 250 -3.27 1.58 -19.17
C GLN A 250 -3.08 1.74 -17.66
N ALA A 251 -2.17 0.95 -17.08
CA ALA A 251 -1.97 1.01 -15.64
C ALA A 251 -1.43 2.37 -15.23
N ALA A 252 -0.35 2.80 -15.89
CA ALA A 252 0.20 4.14 -15.76
C ALA A 252 -0.91 5.18 -15.86
N GLY A 253 -1.87 4.96 -16.76
CA GLY A 253 -2.98 5.90 -16.86
C GLY A 253 -3.82 5.96 -15.60
N VAL A 254 -4.10 4.79 -15.02
CA VAL A 254 -4.86 4.75 -13.77
C VAL A 254 -4.08 5.41 -12.64
N ILE A 255 -2.79 5.06 -12.53
CA ILE A 255 -1.97 5.58 -11.45
C ILE A 255 -1.85 7.10 -11.56
N ARG A 256 -1.77 7.62 -12.78
CA ARG A 256 -1.67 9.07 -12.93
C ARG A 256 -2.96 9.76 -12.50
N SER A 257 -4.12 9.16 -12.82
CA SER A 257 -5.41 9.71 -12.42
C SER A 257 -5.64 9.66 -10.92
N ILE A 258 -5.43 8.49 -10.31
CA ILE A 258 -5.61 8.33 -8.86
C ILE A 258 -4.77 9.38 -8.11
N PHE A 259 -3.51 9.53 -8.48
CA PHE A 259 -2.62 10.41 -7.73
C PHE A 259 -2.79 11.87 -8.10
N ALA A 260 -3.68 12.17 -9.03
CA ALA A 260 -3.88 13.54 -9.43
C ALA A 260 -5.24 14.07 -9.02
N ARG A 261 -6.21 13.20 -8.76
CA ARG A 261 -7.52 13.68 -8.36
C ARG A 261 -7.40 14.58 -7.14
N THR A 262 -8.22 15.62 -7.09
CA THR A 262 -8.26 16.48 -5.92
C THR A 262 -9.70 16.60 -5.41
N LEU A 263 -9.91 16.12 -4.19
CA LEU A 263 -11.18 16.22 -3.49
C LEU A 263 -11.08 17.31 -2.43
N ASP A 264 -12.00 18.28 -2.46
CA ASP A 264 -12.02 19.35 -1.44
C ASP A 264 -12.68 18.81 -0.18
N ALA A 265 -11.87 18.62 0.86
CA ALA A 265 -12.38 18.03 2.10
C ALA A 265 -13.47 18.90 2.73
N ALA A 266 -13.32 20.21 2.65
CA ALA A 266 -14.39 21.14 3.04
C ALA A 266 -14.78 20.83 4.48
N ASN A 267 -16.08 20.82 4.82
CA ASN A 267 -16.56 20.54 6.16
C ASN A 267 -17.09 19.12 6.29
N HIS A 268 -16.75 18.25 5.34
CA HIS A 268 -17.28 16.91 5.35
C HIS A 268 -16.49 16.03 6.33
N SER A 269 -17.21 15.11 6.97
CA SER A 269 -16.59 14.09 7.81
C SER A 269 -15.80 13.08 6.96
N ILE A 270 -14.92 12.32 7.63
CA ILE A 270 -14.09 11.36 6.91
C ILE A 270 -14.92 10.27 6.26
N PRO A 271 -15.91 9.66 6.92
CA PRO A 271 -16.74 8.67 6.21
C PRO A 271 -17.51 9.26 5.04
N ASP A 272 -17.79 10.57 5.05
CA ASP A 272 -18.39 11.22 3.89
C ASP A 272 -17.39 11.33 2.75
N LEU A 273 -16.19 11.87 3.06
CA LEU A 273 -15.12 11.90 2.09
C LEU A 273 -14.80 10.50 1.57
N GLN A 274 -14.92 9.48 2.44
CA GLN A 274 -14.66 8.13 1.96
C GLN A 274 -15.65 7.72 0.89
N ARG A 275 -16.95 7.98 1.12
CA ARG A 275 -17.95 7.63 0.12
C ARG A 275 -17.71 8.42 -1.16
N ALA A 276 -17.34 9.70 -1.01
CA ALA A 276 -16.97 10.51 -2.16
C ALA A 276 -15.74 9.93 -2.87
N ALA A 277 -14.71 9.55 -2.08
CA ALA A 277 -13.51 8.96 -2.64
C ALA A 277 -13.83 7.71 -3.43
N VAL A 278 -14.70 6.86 -2.90
CA VAL A 278 -14.99 5.60 -3.56
C VAL A 278 -15.54 5.85 -4.96
N THR A 279 -16.51 6.75 -5.09
CA THR A 279 -17.10 6.95 -6.41
C THR A 279 -16.08 7.56 -7.37
N ILE A 280 -15.27 8.52 -6.92
CA ILE A 280 -14.23 9.09 -7.78
C ILE A 280 -13.28 8.00 -8.25
N LEU A 281 -12.92 7.09 -7.34
CA LEU A 281 -11.92 6.10 -7.69
C LEU A 281 -12.49 5.04 -8.64
N ASP A 282 -13.75 4.66 -8.43
CA ASP A 282 -14.36 3.63 -9.26
C ASP A 282 -14.57 4.13 -10.70
N GLY A 283 -14.91 5.41 -10.86
CA GLY A 283 -15.04 5.95 -12.20
C GLY A 283 -13.73 5.91 -12.96
N ILE A 284 -12.60 5.99 -12.24
CA ILE A 284 -11.30 5.88 -12.88
C ILE A 284 -11.08 4.46 -13.36
N SER A 285 -11.36 3.46 -12.51
CA SER A 285 -11.08 2.07 -12.90
C SER A 285 -11.75 1.11 -11.91
N GLU A 286 -12.17 -0.05 -12.42
CA GLU A 286 -12.74 -1.10 -11.57
C GLU A 286 -11.69 -1.70 -10.65
N GLN A 287 -10.41 -1.50 -10.95
CA GLN A 287 -9.32 -2.03 -10.16
C GLN A 287 -8.76 -1.02 -9.16
N SER A 288 -9.18 0.25 -9.20
CA SER A 288 -8.44 1.25 -8.44
C SER A 288 -8.56 1.04 -6.93
N LEU A 289 -9.75 0.68 -6.40
CA LEU A 289 -9.83 0.37 -4.96
C LEU A 289 -8.87 -0.74 -4.60
N ARG A 290 -8.81 -1.80 -5.42
CA ARG A 290 -7.86 -2.85 -5.07
C ARG A 290 -6.44 -2.39 -5.28
N LEU A 291 -6.21 -1.48 -6.22
CA LEU A 291 -4.86 -0.94 -6.44
C LEU A 291 -4.38 -0.14 -5.23
N VAL A 292 -5.16 0.87 -4.80
CA VAL A 292 -4.76 1.64 -3.63
C VAL A 292 -4.59 0.73 -2.41
N ASP A 293 -5.50 -0.25 -2.23
CA ASP A 293 -5.36 -1.14 -1.07
C ASP A 293 -4.01 -1.83 -1.09
N ALA A 294 -3.64 -2.41 -2.24
CA ALA A 294 -2.36 -3.08 -2.35
C ALA A 294 -1.21 -2.16 -1.97
N MET A 295 -1.27 -0.90 -2.42
CA MET A 295 -0.18 0.05 -2.19
C MET A 295 -0.13 0.49 -0.72
N VAL A 296 -1.28 0.67 -0.07
CA VAL A 296 -1.25 1.19 1.29
C VAL A 296 -0.92 0.08 2.28
N TYR A 297 -1.60 -1.07 2.18
CA TYR A 297 -1.47 -2.13 3.17
C TYR A 297 -0.24 -3.02 2.98
N THR A 298 0.34 -3.08 1.79
CA THR A 298 1.47 -3.99 1.58
C THR A 298 2.75 -3.33 1.13
N SER A 299 2.74 -2.08 0.67
CA SER A 299 3.99 -1.43 0.25
C SER A 299 4.23 -0.06 0.89
N ASP A 300 3.52 0.28 1.98
CA ASP A 300 3.78 1.51 2.76
C ASP A 300 3.83 2.74 1.86
N LEU A 301 2.77 2.91 1.07
CA LEU A 301 2.65 4.09 0.22
C LEU A 301 2.79 5.37 1.03
N LEU A 302 3.66 6.27 0.58
CA LEU A 302 3.69 7.64 1.08
C LEU A 302 2.97 8.55 0.10
N THR A 303 1.91 9.22 0.57
CA THR A 303 1.24 10.22 -0.24
C THR A 303 0.46 11.18 0.68
N ASN A 304 0.14 12.35 0.13
CA ASN A 304 -0.73 13.30 0.80
C ASN A 304 -2.06 13.46 0.06
N SER A 305 -2.37 12.56 -0.86
CA SER A 305 -3.65 12.59 -1.58
C SER A 305 -4.83 12.44 -0.61
N VAL A 306 -5.81 13.33 -0.73
CA VAL A 306 -7.00 13.28 0.12
C VAL A 306 -7.88 12.08 -0.24
N ILE A 307 -7.99 11.76 -1.54
CA ILE A 307 -8.88 10.66 -1.96
C ILE A 307 -8.35 9.33 -1.42
N ILE A 308 -7.05 9.08 -1.61
CA ILE A 308 -6.41 7.86 -1.15
C ILE A 308 -6.50 7.75 0.38
N MET A 309 -6.20 8.87 1.09
CA MET A 309 -6.27 8.86 2.55
C MET A 309 -7.71 8.68 3.02
N ALA A 310 -8.65 9.37 2.37
CA ALA A 310 -10.05 9.24 2.75
C ALA A 310 -10.58 7.83 2.49
N TYR A 311 -10.15 7.20 1.38
CA TYR A 311 -10.67 5.86 1.09
C TYR A 311 -10.30 4.87 2.19
N VAL A 312 -9.01 4.82 2.56
CA VAL A 312 -8.55 3.77 3.49
C VAL A 312 -8.89 4.12 4.94
N THR A 313 -8.82 5.39 5.33
CA THR A 313 -9.03 5.70 6.74
C THR A 313 -10.50 5.72 7.15
N GLY A 314 -11.41 5.89 6.21
CA GLY A 314 -12.79 5.63 6.56
C GLY A 314 -12.91 4.21 7.09
N GLY A 315 -13.98 3.94 7.79
CA GLY A 315 -14.00 2.63 8.43
C GLY A 315 -13.11 2.79 9.63
N LEU A 316 -11.86 2.31 9.61
CA LEU A 316 -10.85 2.48 10.70
C LEU A 316 -11.18 1.71 11.98
N VAL A 317 -12.37 1.86 12.54
CA VAL A 317 -12.82 1.08 13.71
C VAL A 317 -12.77 -0.39 13.30
N GLN A 318 -13.29 -0.74 12.14
CA GLN A 318 -13.26 -2.16 11.77
C GLN A 318 -11.81 -2.60 11.61
N GLN A 319 -10.98 -1.79 10.98
CA GLN A 319 -9.56 -2.17 10.82
C GLN A 319 -8.91 -2.22 12.20
N THR A 320 -9.23 -1.31 13.09
CA THR A 320 -8.66 -1.31 14.45
C THR A 320 -9.17 -2.51 15.24
N SER A 321 -10.43 -2.85 15.09
CA SER A 321 -10.91 -3.99 15.90
C SER A 321 -10.16 -5.24 15.43
N GLN A 322 -10.08 -5.43 14.11
CA GLN A 322 -9.33 -6.54 13.53
C GLN A 322 -7.91 -6.59 14.09
N TRP A 323 -7.20 -5.47 14.04
CA TRP A 323 -5.85 -5.40 14.60
C TRP A 323 -5.85 -5.81 16.06
N LEU A 324 -6.85 -5.39 16.83
CA LEU A 324 -6.89 -5.69 18.25
C LEU A 324 -7.22 -7.16 18.49
N SER A 325 -8.30 -7.65 17.84
CA SER A 325 -8.68 -9.05 17.97
C SER A 325 -7.51 -9.98 17.64
N ASN A 326 -6.71 -9.66 16.61
CA ASN A 326 -5.61 -10.55 16.22
C ASN A 326 -4.48 -10.58 17.25
N LEU A 327 -4.17 -9.47 17.92
CA LEU A 327 -3.01 -9.54 18.81
C LEU A 327 -3.40 -9.83 20.25
N LEU A 328 -4.68 -9.75 20.60
CA LEU A 328 -5.17 -10.23 21.89
C LEU A 328 -5.77 -11.62 21.78
N GLY A 329 -6.07 -12.10 20.58
CA GLY A 329 -6.58 -13.44 20.37
C GLY A 329 -7.97 -13.67 20.92
N THR A 330 -8.84 -12.67 20.86
CA THR A 330 -10.16 -12.77 21.48
C THR A 330 -11.07 -11.72 20.88
N THR A 331 -12.33 -11.72 21.33
CA THR A 331 -13.30 -10.70 20.96
C THR A 331 -13.05 -9.41 21.74
N VAL A 332 -13.26 -8.26 21.10
CA VAL A 332 -12.83 -7.00 21.71
C VAL A 332 -14.00 -6.06 22.00
N GLU A 333 -15.20 -6.61 22.22
CA GLU A 333 -16.34 -5.72 22.48
C GLU A 333 -16.27 -5.03 23.85
N LYS A 334 -15.57 -5.60 24.84
CA LYS A 334 -15.37 -4.86 26.09
C LYS A 334 -14.53 -3.61 25.88
N LEU A 335 -13.77 -3.55 24.77
CA LEU A 335 -12.93 -2.38 24.49
C LEU A 335 -13.70 -1.31 23.70
N ARG A 336 -15.01 -1.27 23.89
CA ARG A 336 -15.85 -0.27 23.23
C ARG A 336 -15.28 1.15 23.25
N PRO A 337 -14.74 1.67 24.37
CA PRO A 337 -14.23 3.06 24.36
C PRO A 337 -13.30 3.40 23.20
N ILE A 338 -12.47 2.46 22.73
CA ILE A 338 -11.55 2.72 21.63
C ILE A 338 -12.31 3.12 20.36
N PHE A 339 -13.42 2.47 20.10
CA PHE A 339 -14.10 2.66 18.83
C PHE A 339 -14.93 3.93 18.83
N GLU A 340 -15.51 4.29 19.98
CA GLU A 340 -16.21 5.57 20.09
C GLU A 340 -15.26 6.74 19.83
N TRP A 341 -14.09 6.74 20.48
CA TRP A 341 -13.06 7.74 20.21
C TRP A 341 -12.75 7.85 18.71
N ILE A 342 -12.49 6.71 18.06
CA ILE A 342 -12.20 6.75 16.63
C ILE A 342 -13.38 7.31 15.84
N GLU A 343 -14.60 6.84 16.14
CA GLU A 343 -15.76 7.43 15.46
C GLU A 343 -15.78 8.94 15.65
N ALA A 344 -15.53 9.38 16.87
CA ALA A 344 -15.56 10.80 17.17
C ALA A 344 -14.54 11.56 16.30
N LYS A 345 -13.31 11.06 16.23
CA LYS A 345 -12.28 11.78 15.48
C LYS A 345 -12.54 11.73 13.98
N LEU A 346 -13.06 10.61 13.47
CA LEU A 346 -13.41 10.55 12.05
C LEU A 346 -14.49 11.57 11.71
N SER A 347 -15.41 11.84 12.64
CA SER A 347 -16.42 12.86 12.37
C SER A 347 -15.82 14.27 12.25
N ALA A 348 -14.62 14.51 12.79
CA ALA A 348 -13.97 15.82 12.69
C ALA A 348 -13.62 16.21 11.26
N GLY A 349 -13.57 15.27 10.32
CA GLY A 349 -13.12 15.59 8.97
C GLY A 349 -11.61 15.79 8.82
N VAL A 350 -11.25 16.72 7.95
CA VAL A 350 -9.90 16.82 7.44
C VAL A 350 -8.89 17.02 8.55
N GLU A 351 -9.32 17.59 9.67
CA GLU A 351 -8.44 17.77 10.82
C GLU A 351 -7.76 16.46 11.20
N PHE A 352 -8.53 15.39 11.27
CA PHE A 352 -8.05 14.08 11.69
C PHE A 352 -7.46 13.27 10.53
N LEU A 353 -7.52 13.76 9.30
CA LEU A 353 -7.26 12.91 8.15
C LEU A 353 -5.86 12.33 8.19
N LYS A 354 -4.85 13.19 8.37
CA LYS A 354 -3.47 12.69 8.35
C LYS A 354 -3.12 11.94 9.62
N ASP A 355 -3.81 12.24 10.72
CA ASP A 355 -3.59 11.43 11.91
C ASP A 355 -4.20 10.04 11.72
N ALA A 356 -5.39 9.96 11.10
CA ALA A 356 -5.94 8.67 10.71
C ALA A 356 -4.96 7.90 9.83
N TRP A 357 -4.41 8.59 8.82
CA TRP A 357 -3.43 7.96 7.95
C TRP A 357 -2.30 7.35 8.76
N GLU A 358 -1.74 8.11 9.72
CA GLU A 358 -0.57 7.62 10.47
C GLU A 358 -0.93 6.48 11.43
N ILE A 359 -2.10 6.55 12.07
CA ILE A 359 -2.56 5.45 12.89
C ILE A 359 -2.67 4.19 12.05
N LEU A 360 -3.31 4.30 10.88
CA LEU A 360 -3.42 3.15 9.99
C LEU A 360 -2.06 2.52 9.72
N LYS A 361 -1.05 3.35 9.38
CA LYS A 361 0.28 2.81 9.10
C LYS A 361 0.90 2.13 10.32
N PHE A 362 0.60 2.61 11.53
CA PHE A 362 1.07 1.91 12.72
C PHE A 362 0.41 0.54 12.83
N LEU A 363 -0.92 0.49 12.71
CA LEU A 363 -1.63 -0.79 12.69
C LEU A 363 -0.99 -1.79 11.73
N ILE A 364 -0.46 -1.31 10.61
CA ILE A 364 0.06 -2.20 9.57
C ILE A 364 1.49 -2.62 9.86
N THR A 365 2.36 -1.66 10.15
CA THR A 365 3.79 -1.92 10.27
C THR A 365 4.38 -1.61 11.65
N GLY A 366 3.54 -1.28 12.64
CA GLY A 366 4.06 -0.86 13.93
C GLY A 366 4.65 -2.02 14.70
N VAL A 367 5.64 -1.72 15.54
CA VAL A 367 6.41 -2.71 16.29
C VAL A 367 6.18 -2.47 17.77
N PHE A 368 5.53 -3.42 18.44
CA PHE A 368 5.19 -3.29 19.86
C PHE A 368 5.22 -4.66 20.52
N ASP A 369 5.16 -4.67 21.85
CA ASP A 369 4.93 -5.85 22.66
C ASP A 369 3.81 -5.55 23.63
N ILE A 370 3.23 -6.61 24.22
CA ILE A 370 2.20 -6.47 25.25
C ILE A 370 2.82 -6.75 26.60
N VAL A 371 2.81 -5.76 27.48
CA VAL A 371 3.51 -5.82 28.77
C VAL A 371 2.56 -5.38 29.87
N LYS A 372 2.35 -6.23 30.87
CA LYS A 372 1.47 -5.95 31.99
C LYS A 372 0.10 -5.45 31.52
N GLY A 373 -0.38 -6.05 30.43
CA GLY A 373 -1.69 -5.75 29.91
C GLY A 373 -1.78 -4.49 29.07
N GLN A 374 -0.62 -3.93 28.66
CA GLN A 374 -0.53 -2.65 27.96
C GLN A 374 0.36 -2.77 26.74
N ILE A 375 -0.02 -2.08 25.67
CA ILE A 375 0.80 -2.05 24.46
C ILE A 375 2.00 -1.13 24.69
N GLN A 376 3.19 -1.61 24.37
CA GLN A 376 4.42 -0.84 24.47
C GLN A 376 5.09 -0.84 23.11
N VAL A 377 5.24 0.33 22.52
CA VAL A 377 5.86 0.39 21.22
C VAL A 377 7.37 0.30 21.38
N ALA A 378 8.04 -0.03 20.29
CA ALA A 378 9.48 -0.23 20.29
C ALA A 378 10.29 0.97 19.81
N SER A 379 9.66 2.00 19.21
CA SER A 379 10.35 3.11 18.55
C SER A 379 9.95 4.47 19.16
N ASP A 380 10.90 5.42 19.23
CA ASP A 380 10.57 6.74 19.75
C ASP A 380 10.30 7.76 18.65
N ASN A 381 10.43 7.38 17.39
CA ASN A 381 9.88 8.18 16.30
C ASN A 381 8.40 7.86 16.07
N ILE A 382 7.72 7.36 17.09
CA ILE A 382 6.27 7.26 17.03
C ILE A 382 5.66 8.65 17.04
N LYS A 383 4.84 8.94 16.04
CA LYS A 383 4.27 10.26 15.90
C LYS A 383 3.29 10.58 17.03
N ASP A 384 3.24 11.88 17.36
CA ASP A 384 2.35 12.40 18.39
C ASP A 384 0.91 11.94 18.21
N CYS A 385 0.43 11.84 16.98
CA CYS A 385 -0.97 11.39 16.87
C CYS A 385 -1.08 9.93 17.25
N VAL A 386 -0.02 9.15 17.05
CA VAL A 386 -0.05 7.69 17.33
C VAL A 386 0.12 7.45 18.82
N LYS A 387 0.91 8.26 19.49
CA LYS A 387 1.11 8.12 20.95
C LYS A 387 -0.25 8.31 21.62
N CYS A 388 -0.99 9.31 21.19
CA CYS A 388 -2.34 9.61 21.70
C CYS A 388 -3.25 8.40 21.49
N PHE A 389 -3.22 7.82 20.30
CA PHE A 389 -4.04 6.63 19.98
C PHE A 389 -3.66 5.44 20.89
N ILE A 390 -2.38 5.15 21.00
CA ILE A 390 -1.95 4.05 21.87
C ILE A 390 -2.42 4.28 23.30
N ASP A 391 -2.43 5.53 23.77
CA ASP A 391 -2.91 5.78 25.12
C ASP A 391 -4.43 5.72 25.21
N VAL A 392 -5.14 5.97 24.12
CA VAL A 392 -6.57 5.60 24.12
C VAL A 392 -6.72 4.10 24.33
N VAL A 393 -5.93 3.29 23.61
CA VAL A 393 -6.09 1.83 23.71
C VAL A 393 -5.73 1.35 25.11
N ASN A 394 -4.57 1.77 25.59
CA ASN A 394 -4.11 1.31 26.90
C ASN A 394 -5.08 1.72 28.01
N LYS A 395 -5.76 2.86 27.86
CA LYS A 395 -6.72 3.21 28.91
C LYS A 395 -7.92 2.28 28.86
N ALA A 396 -8.33 1.86 27.66
CA ALA A 396 -9.42 0.90 27.54
C ALA A 396 -9.04 -0.46 28.10
N LEU A 397 -7.78 -0.88 27.89
CA LEU A 397 -7.31 -2.13 28.47
C LEU A 397 -7.29 -2.05 30.00
N GLU A 398 -6.87 -0.90 30.54
CA GLU A 398 -6.78 -0.78 31.99
C GLU A 398 -8.14 -0.90 32.65
N MET A 399 -9.23 -0.59 31.93
CA MET A 399 -10.56 -0.88 32.46
C MET A 399 -10.83 -2.38 32.56
N CYS A 400 -10.22 -3.17 31.68
CA CYS A 400 -10.40 -4.62 31.65
C CYS A 400 -9.42 -5.36 32.55
N ILE A 401 -8.61 -4.65 33.35
CA ILE A 401 -7.61 -5.30 34.19
C ILE A 401 -8.24 -5.65 35.53
N ASP A 402 -7.95 -6.86 36.00
CA ASP A 402 -8.40 -7.35 37.29
C ASP A 402 -7.31 -8.27 37.86
N GLN A 403 -7.68 -9.06 38.88
CA GLN A 403 -6.71 -9.94 39.53
C GLN A 403 -7.22 -11.36 39.56
N VAL A 404 -6.49 -12.25 38.92
CA VAL A 404 -6.67 -13.69 39.07
C VAL A 404 -5.64 -14.17 40.09
N THR A 405 -6.04 -15.14 40.91
CA THR A 405 -5.15 -15.71 41.90
C THR A 405 -4.98 -17.19 41.58
N ILE A 406 -3.86 -17.53 40.95
CA ILE A 406 -3.40 -18.91 40.90
C ILE A 406 -3.01 -19.33 42.31
N ALA A 407 -3.29 -20.58 42.67
CA ALA A 407 -2.95 -21.07 44.00
C ALA A 407 -1.49 -20.79 44.31
N GLY A 408 -1.23 -19.93 45.30
CA GLY A 408 0.11 -19.56 45.67
C GLY A 408 0.46 -18.10 45.42
N ALA A 409 -0.18 -17.45 44.44
CA ALA A 409 0.15 -16.07 44.10
C ALA A 409 -1.00 -15.42 43.33
N LYS A 410 -1.04 -14.09 43.40
CA LYS A 410 -2.01 -13.29 42.68
C LYS A 410 -1.34 -12.68 41.45
N LEU A 411 -2.02 -12.74 40.31
CA LEU A 411 -1.42 -12.39 39.03
C LEU A 411 -2.34 -11.48 38.22
N ARG A 412 -1.74 -10.56 37.46
CA ARG A 412 -2.52 -9.55 36.74
C ARG A 412 -3.35 -10.17 35.62
N SER A 413 -4.64 -9.83 35.60
CA SER A 413 -5.63 -10.40 34.70
C SER A 413 -5.97 -9.40 33.59
N LEU A 414 -6.75 -9.87 32.62
CA LEU A 414 -7.24 -9.00 31.55
C LEU A 414 -8.54 -9.59 31.03
N ASN A 415 -9.67 -9.09 31.54
CA ASN A 415 -10.98 -9.68 31.22
C ASN A 415 -11.48 -9.11 29.90
N LEU A 416 -11.39 -9.92 28.85
CA LEU A 416 -11.67 -9.48 27.49
C LEU A 416 -12.66 -10.42 26.81
N GLY A 417 -13.70 -10.85 27.50
CA GLY A 417 -14.48 -11.97 27.02
C GLY A 417 -13.75 -13.31 27.08
N GLU A 418 -12.49 -13.32 27.51
CA GLU A 418 -11.73 -14.49 27.91
C GLU A 418 -10.63 -13.97 28.83
N VAL A 419 -10.53 -14.50 30.05
CA VAL A 419 -9.53 -13.99 30.99
C VAL A 419 -8.14 -14.41 30.52
N PHE A 420 -7.22 -13.45 30.50
CA PHE A 420 -5.83 -13.67 30.12
C PHE A 420 -4.93 -13.24 31.26
N ILE A 421 -3.76 -13.86 31.35
CA ILE A 421 -2.77 -13.50 32.35
C ILE A 421 -1.79 -12.53 31.72
N ALA A 422 -1.49 -11.45 32.43
CA ALA A 422 -0.67 -10.37 31.92
C ALA A 422 0.16 -9.77 33.03
N GLN A 423 0.92 -10.62 33.73
CA GLN A 423 1.86 -10.15 34.75
C GLN A 423 3.15 -9.62 34.13
N SER A 424 3.45 -10.04 32.91
CA SER A 424 4.73 -9.83 32.25
C SER A 424 4.44 -9.69 30.77
N LYS A 425 5.51 -9.74 29.97
CA LYS A 425 5.39 -9.71 28.51
C LYS A 425 4.57 -10.89 28.01
N GLY A 426 3.59 -10.60 27.17
CA GLY A 426 2.79 -11.67 26.61
C GLY A 426 1.50 -11.90 27.37
N LEU A 427 0.49 -12.36 26.64
CA LEU A 427 -0.81 -12.72 27.20
C LEU A 427 -0.94 -14.23 27.26
N TYR A 428 -1.28 -14.74 28.44
CA TYR A 428 -1.23 -16.17 28.72
C TYR A 428 -2.60 -16.72 29.08
N ARG A 429 -3.05 -17.73 28.34
CA ARG A 429 -4.17 -18.59 28.69
C ARG A 429 -3.77 -19.56 29.78
N GLN A 430 -4.76 -20.10 30.49
CA GLN A 430 -4.48 -20.99 31.60
C GLN A 430 -4.87 -22.45 31.30
N CYS A 431 -4.71 -22.87 30.03
CA CYS A 431 -5.04 -24.23 29.61
C CYS A 431 -4.38 -25.27 30.51
N ILE A 432 -5.20 -26.13 31.11
CA ILE A 432 -4.72 -27.28 31.88
C ILE A 432 -4.91 -28.52 31.05
N ARG A 433 -3.82 -29.22 30.77
CA ARG A 433 -3.92 -30.55 30.20
C ARG A 433 -3.62 -31.58 31.28
N GLY A 434 -4.36 -32.70 31.24
CA GLY A 434 -4.24 -33.71 32.28
C GLY A 434 -2.98 -34.54 32.12
N LYS A 435 -2.39 -34.91 33.26
CA LYS A 435 -1.16 -35.72 33.22
C LYS A 435 -1.32 -36.97 32.36
N GLU A 436 -2.52 -37.55 32.34
CA GLU A 436 -2.86 -38.64 31.46
C GLU A 436 -2.35 -38.38 30.04
N GLN A 437 -1.56 -39.31 29.51
CA GLN A 437 -1.09 -39.26 28.14
C GLN A 437 0.01 -38.26 27.81
N LEU A 438 0.29 -37.29 28.70
CA LEU A 438 1.34 -36.30 28.49
C LEU A 438 2.69 -36.98 28.23
N GLN A 439 3.58 -36.28 27.52
CA GLN A 439 4.85 -36.89 27.11
C GLN A 439 5.71 -37.23 28.33
N LEU A 440 6.00 -36.24 29.15
CA LEU A 440 6.88 -36.48 30.28
C LEU A 440 6.11 -37.20 31.39
N LEU A 441 6.69 -38.28 31.89
CA LEU A 441 6.07 -39.08 32.93
C LEU A 441 5.92 -38.32 34.24
N MET A 442 4.74 -38.47 34.85
CA MET A 442 4.34 -37.73 36.03
C MET A 442 4.27 -38.67 37.23
N PRO A 443 4.97 -38.34 38.32
CA PRO A 443 4.92 -39.20 39.52
C PRO A 443 3.51 -39.54 39.98
N LEU A 444 2.53 -38.69 39.64
CA LEU A 444 1.15 -38.78 40.14
C LEU A 444 1.13 -38.79 41.68
N LYS A 445 2.29 -38.60 42.32
CA LYS A 445 2.33 -38.33 43.75
C LYS A 445 1.48 -37.12 44.10
N ALA A 446 1.62 -36.06 43.32
CA ALA A 446 0.93 -34.79 43.48
C ALA A 446 -0.45 -34.83 42.83
N PRO A 447 -1.36 -33.97 43.25
CA PRO A 447 -2.66 -33.85 42.57
C PRO A 447 -2.48 -33.60 41.07
N LYS A 448 -3.45 -34.02 40.27
CA LYS A 448 -3.32 -33.76 38.81
C LYS A 448 -3.89 -32.37 38.46
N GLU A 449 -3.74 -31.41 39.39
CA GLU A 449 -4.16 -30.02 39.25
C GLU A 449 -3.04 -29.15 38.72
N VAL A 450 -2.01 -29.76 38.14
CA VAL A 450 -0.97 -29.01 37.45
C VAL A 450 -1.62 -28.15 36.39
N THR A 451 -1.13 -26.93 36.28
CA THR A 451 -1.65 -25.94 35.34
C THR A 451 -0.51 -25.61 34.38
N PHE A 452 -0.81 -25.52 33.09
CA PHE A 452 0.07 -24.84 32.13
C PHE A 452 -0.43 -23.43 31.88
N LEU A 453 0.38 -22.63 31.19
CA LEU A 453 -0.05 -21.33 30.70
C LEU A 453 0.40 -21.16 29.26
N GLU A 454 -0.56 -20.93 28.38
CA GLU A 454 -0.36 -20.96 26.92
C GLU A 454 -0.14 -19.54 26.40
N GLY A 455 0.87 -19.37 25.56
CA GLY A 455 1.22 -18.06 25.05
C GLY A 455 2.61 -18.11 24.43
N ASP A 456 3.23 -16.94 24.38
CA ASP A 456 4.55 -16.85 23.79
C ASP A 456 5.55 -17.65 24.61
N SER A 457 6.38 -18.42 23.91
CA SER A 457 7.17 -19.47 24.54
C SER A 457 8.59 -19.42 23.99
N HIS A 458 9.59 -19.34 24.87
CA HIS A 458 10.96 -19.46 24.42
C HIS A 458 11.37 -20.92 24.32
N ASP A 459 12.26 -21.20 23.36
CA ASP A 459 12.72 -22.59 23.15
C ASP A 459 13.38 -23.13 24.42
N THR A 460 13.15 -24.40 24.71
CA THR A 460 13.71 -24.92 25.98
C THR A 460 14.47 -26.23 25.77
N VAL A 461 15.41 -26.50 26.67
CA VAL A 461 16.20 -27.77 26.71
C VAL A 461 15.79 -28.47 28.00
N LEU A 462 15.66 -29.79 27.98
CA LEU A 462 15.17 -30.39 29.24
C LEU A 462 16.19 -31.39 29.79
N THR A 463 17.04 -30.92 30.71
CA THR A 463 18.14 -31.72 31.32
C THR A 463 17.68 -33.12 31.66
N SER A 464 16.81 -33.24 32.67
CA SER A 464 16.26 -34.58 33.01
C SER A 464 14.75 -34.48 33.16
N GLU A 465 14.08 -35.59 32.94
CA GLU A 465 12.59 -35.67 32.93
C GLU A 465 12.07 -36.13 34.29
N GLU A 466 12.95 -36.28 35.27
CA GLU A 466 12.44 -36.58 36.62
C GLU A 466 11.62 -35.36 37.02
N VAL A 467 10.42 -35.58 37.51
CA VAL A 467 9.56 -34.45 37.94
C VAL A 467 9.75 -34.35 39.46
N VAL A 468 9.84 -33.12 40.00
CA VAL A 468 10.11 -32.89 41.42
C VAL A 468 9.00 -32.01 41.97
N LEU A 469 8.14 -32.59 42.80
CA LEU A 469 7.14 -31.80 43.51
C LEU A 469 7.82 -30.97 44.61
N LYS A 470 7.22 -29.82 44.93
CA LYS A 470 7.68 -28.95 46.01
C LYS A 470 6.54 -27.99 46.36
N ASN A 471 6.62 -27.39 47.55
CA ASN A 471 5.58 -26.46 47.95
C ASN A 471 6.12 -25.43 48.95
N GLY A 472 5.25 -24.48 49.28
CA GLY A 472 5.59 -23.16 49.76
C GLY A 472 4.80 -22.09 49.01
N GLU A 473 4.93 -20.86 49.49
CA GLU A 473 4.18 -19.80 48.84
C GLU A 473 4.93 -19.30 47.59
N LEU A 474 4.22 -18.53 46.77
CA LEU A 474 4.70 -18.07 45.46
C LEU A 474 4.86 -16.55 45.43
N GLU A 475 5.81 -16.07 44.63
CA GLU A 475 5.99 -14.65 44.34
C GLU A 475 5.84 -14.40 42.84
N ALA A 476 5.09 -13.35 42.50
CA ALA A 476 4.91 -12.96 41.08
C ALA A 476 6.10 -12.09 40.69
N LEU A 477 6.80 -12.40 39.59
CA LEU A 477 7.95 -11.52 39.30
C LEU A 477 7.83 -10.86 37.92
N GLU A 478 8.10 -9.55 37.89
CA GLU A 478 8.05 -8.70 36.68
C GLU A 478 9.19 -9.01 35.70
N THR A 479 10.27 -9.62 36.16
CA THR A 479 11.48 -9.84 35.31
C THR A 479 11.21 -10.65 34.04
N PRO A 480 11.78 -10.24 32.89
CA PRO A 480 11.72 -10.98 31.64
C PRO A 480 12.77 -12.10 31.65
N VAL A 481 12.41 -13.24 31.06
CA VAL A 481 13.23 -14.49 30.98
C VAL A 481 14.54 -14.26 30.20
N ASP A 482 14.49 -13.53 29.09
CA ASP A 482 15.71 -13.26 28.27
C ASP A 482 16.72 -12.46 29.07
N SER A 483 16.28 -11.59 29.98
CA SER A 483 17.17 -10.78 30.86
C SER A 483 18.03 -11.75 31.68
N PHE A 484 17.47 -12.85 32.19
CA PHE A 484 18.35 -13.80 32.92
C PHE A 484 18.79 -14.94 32.00
N THR A 485 18.19 -15.08 30.81
CA THR A 485 18.57 -16.22 29.91
C THR A 485 18.70 -15.80 28.44
N ASN A 486 19.82 -15.17 28.05
CA ASN A 486 20.04 -14.78 26.62
C ASN A 486 20.10 -16.05 25.77
N GLY A 487 20.80 -17.08 26.26
CA GLY A 487 20.86 -18.38 25.57
C GLY A 487 19.60 -19.17 25.84
N ALA A 488 19.37 -20.22 25.05
CA ALA A 488 18.14 -21.03 25.24
C ALA A 488 18.14 -21.57 26.67
N ILE A 489 17.01 -21.45 27.35
CA ILE A 489 16.88 -21.91 28.75
C ILE A 489 16.80 -23.44 28.79
N VAL A 490 17.54 -24.05 29.72
CA VAL A 490 17.62 -25.52 29.91
C VAL A 490 17.19 -25.83 31.35
N GLY A 491 16.30 -26.80 31.54
CA GLY A 491 15.87 -27.05 32.92
C GLY A 491 15.18 -28.38 33.12
N THR A 492 14.96 -28.73 34.39
CA THR A 492 14.23 -29.98 34.73
C THR A 492 12.94 -29.54 35.44
N PRO A 493 11.77 -30.02 35.00
CA PRO A 493 10.48 -29.59 35.55
C PRO A 493 10.20 -29.79 37.04
N VAL A 494 9.42 -28.87 37.61
CA VAL A 494 8.99 -28.86 39.04
C VAL A 494 7.52 -28.44 39.05
N CYS A 495 6.69 -28.97 39.96
CA CYS A 495 5.29 -28.48 40.08
C CYS A 495 5.06 -28.00 41.51
N VAL A 496 4.69 -26.73 41.66
CA VAL A 496 4.48 -26.13 43.01
C VAL A 496 3.01 -25.73 43.13
N ASN A 497 2.24 -26.50 43.90
CA ASN A 497 0.80 -26.22 44.18
C ASN A 497 -0.07 -26.41 42.93
N GLY A 498 0.39 -27.09 41.89
CA GLY A 498 -0.48 -27.33 40.75
C GLY A 498 -0.32 -26.43 39.55
N LEU A 499 0.90 -26.24 39.03
CA LEU A 499 1.34 -25.72 37.70
C LEU A 499 2.85 -25.87 37.55
N MET A 500 3.25 -26.37 36.40
CA MET A 500 4.66 -26.68 36.04
C MET A 500 5.52 -25.43 35.94
N LEU A 501 6.48 -25.30 36.87
CA LEU A 501 7.45 -24.18 36.79
C LEU A 501 8.83 -24.78 36.50
N LEU A 502 9.40 -24.47 35.33
CA LEU A 502 10.72 -24.92 34.83
C LEU A 502 11.74 -24.38 35.84
N GLU A 503 12.73 -25.18 36.23
CA GLU A 503 13.66 -24.62 37.24
C GLU A 503 15.10 -25.01 36.94
N ILE A 504 16.00 -24.12 37.37
CA ILE A 504 17.48 -24.33 37.39
C ILE A 504 17.80 -23.97 38.84
N LYS A 505 18.46 -24.86 39.59
CA LYS A 505 18.68 -24.68 41.06
C LYS A 505 19.50 -23.47 41.50
N ASP A 506 20.65 -23.16 40.89
CA ASP A 506 21.42 -21.99 41.42
C ASP A 506 20.59 -20.72 41.25
N LYS A 507 19.88 -20.56 40.14
CA LYS A 507 19.02 -19.37 39.95
C LYS A 507 17.88 -19.48 40.97
N GLU A 508 17.45 -18.36 41.57
CA GLU A 508 16.35 -18.46 42.56
C GLU A 508 15.00 -18.35 41.85
N GLN A 509 15.02 -18.00 40.56
CA GLN A 509 13.83 -17.82 39.71
C GLN A 509 13.33 -19.15 39.15
N TYR A 510 12.03 -19.22 38.86
CA TYR A 510 11.41 -20.37 38.15
C TYR A 510 10.51 -19.78 37.06
N CYS A 511 10.28 -20.50 35.98
CA CYS A 511 9.44 -19.98 34.88
C CYS A 511 8.32 -20.98 34.58
N ALA A 512 7.17 -20.52 34.07
CA ALA A 512 6.03 -21.41 33.80
C ALA A 512 6.26 -22.27 32.55
N LEU A 513 5.52 -23.36 32.40
CA LEU A 513 5.70 -24.24 31.23
C LEU A 513 4.48 -24.18 30.32
N SER A 514 4.66 -24.51 29.04
CA SER A 514 3.58 -24.43 28.04
C SER A 514 3.20 -25.81 27.52
N PRO A 515 2.04 -25.99 26.84
CA PRO A 515 1.70 -27.26 26.23
C PRO A 515 2.80 -27.37 25.16
N GLY A 516 3.43 -28.53 25.06
CA GLY A 516 4.62 -28.67 24.20
C GLY A 516 5.89 -28.54 25.04
N LEU A 517 5.72 -28.18 26.31
CA LEU A 517 6.76 -28.12 27.38
C LEU A 517 7.77 -26.97 27.21
N LEU A 518 7.52 -26.01 26.31
CA LEU A 518 8.47 -24.87 26.19
C LEU A 518 8.21 -23.88 27.33
N ALA A 519 9.20 -23.09 27.68
CA ALA A 519 9.17 -22.09 28.76
C ALA A 519 8.41 -20.82 28.36
N THR A 520 7.97 -20.03 29.36
CA THR A 520 7.17 -18.79 29.14
C THR A 520 7.73 -17.60 29.92
N ASN A 521 7.32 -16.39 29.55
CA ASN A 521 7.79 -15.13 30.17
C ASN A 521 7.39 -14.98 31.63
N ASN A 522 6.20 -15.43 32.03
CA ASN A 522 5.85 -15.21 33.45
C ASN A 522 6.86 -15.96 34.30
N VAL A 523 7.36 -15.33 35.37
CA VAL A 523 8.41 -15.96 36.21
C VAL A 523 8.07 -15.78 37.69
N PHE A 524 8.25 -16.82 38.50
CA PHE A 524 7.98 -16.68 39.95
C PHE A 524 9.17 -17.17 40.76
N ARG A 525 9.20 -16.81 42.05
CA ARG A 525 10.24 -17.21 43.03
C ARG A 525 9.55 -17.71 44.30
N LEU A 526 10.22 -18.53 45.12
CA LEU A 526 9.63 -19.10 46.37
C LEU A 526 9.84 -18.17 47.57
N LYS A 527 8.80 -18.02 48.40
CA LYS A 527 8.82 -17.12 49.59
C LYS A 527 10.10 -17.25 50.40
N GLY A 528 10.70 -16.11 50.79
CA GLY A 528 11.94 -16.03 51.59
C GLY A 528 13.20 -16.28 50.80
N GLY A 529 13.09 -16.44 49.47
CA GLY A 529 14.26 -16.72 48.62
C GLY A 529 15.14 -17.82 49.19
ZN ZN B . -9.59 20.95 -13.64
ZN ZN C . -15.55 7.31 -39.10
#